data_7JG4
#
_entry.id   7JG4
#
_cell.length_a   74.278
_cell.length_b   74.278
_cell.length_c   100.344
_cell.angle_alpha   90.000
_cell.angle_beta   90.000
_cell.angle_gamma   120.000
#
_symmetry.space_group_name_H-M   'P 32 2 1'
#
loop_
_entity.id
_entity.type
_entity.pdbx_description
1 polymer 'Trifunctional purine biosynthetic protein adenosine-3'
2 non-polymer 'GLYCINAMIDE RIBONUCLEOTIDE'
3 non-polymer 'N-(5-{3-[(1S,7R,8R,9S)-4-amino-2-oxo-7lambda~4~-thia-3,5-diazatetracyclo[4.3.0.0~1,7~.0~7,9~]nona-3,5-dien-8-yl]propyl}thiophene-2-carbonyl)-L-glutamic acid'
4 non-polymer 'SODIUM ION'
5 water water
#
_entity_poly.entity_id   1
_entity_poly.type   'polypeptide(L)'
_entity_poly.pdbx_seq_one_letter_code
;MARVAVLISGTGSNLQALIDSTREPNSSAQIDIVISNKAAVAGLDKAERAGIPTRVINHKLYKNRVEFDSAIDLVLEEFS
IDIVCLAGFMRILSGPFVQKWNGKMLNIHPSLLPSFKGSNAHEQALETGVTVTGCTVHFVAEDVDAGQIILQEAVPVKRG
DTVATLSERVKLAEHKIFPAALQLVASGTVQLGENGKICWVKEEHHHHHH
;
_entity_poly.pdbx_strand_id   A
#
# COMPACT_ATOMS: atom_id res chain seq x y z
N ALA A 2 -15.76 4.36 4.30
CA ALA A 2 -14.64 5.19 3.90
C ALA A 2 -14.36 5.02 2.43
N ARG A 3 -14.25 6.14 1.73
CA ARG A 3 -13.89 6.13 0.32
C ARG A 3 -12.37 5.98 0.19
N VAL A 4 -11.94 5.01 -0.62
CA VAL A 4 -10.55 4.57 -0.70
C VAL A 4 -10.04 4.68 -2.14
N ALA A 5 -8.84 5.23 -2.29
CA ALA A 5 -8.08 5.21 -3.52
C ALA A 5 -6.90 4.25 -3.37
N VAL A 6 -6.58 3.51 -4.43
CA VAL A 6 -5.48 2.55 -4.41
C VAL A 6 -4.51 2.95 -5.51
N LEU A 7 -3.27 3.21 -5.13
CA LEU A 7 -2.21 3.57 -6.06
C LEU A 7 -1.34 2.36 -6.34
N ILE A 8 -1.05 2.12 -7.62
CA ILE A 8 -0.32 0.94 -8.08
C ILE A 8 0.77 1.36 -9.06
N SER A 9 1.73 0.45 -9.27
CA SER A 9 2.75 0.59 -10.29
C SER A 9 2.93 -0.67 -11.14
N GLY A 10 2.23 -1.77 -10.82
CA GLY A 10 2.46 -3.01 -11.51
C GLY A 10 1.32 -4.02 -11.56
N THR A 11 1.57 -5.23 -11.05
CA THR A 11 0.68 -6.36 -11.33
C THR A 11 -0.68 -6.20 -10.67
N GLY A 12 -0.72 -5.67 -9.46
CA GLY A 12 -1.98 -5.38 -8.80
C GLY A 12 -2.58 -6.51 -8.01
N SER A 13 -1.77 -7.49 -7.55
CA SER A 13 -2.34 -8.58 -6.75
C SER A 13 -2.81 -8.09 -5.39
N ASN A 14 -2.13 -7.10 -4.79
CA ASN A 14 -2.68 -6.53 -3.57
C ASN A 14 -3.94 -5.73 -3.86
N LEU A 15 -3.94 -4.96 -4.96
CA LEU A 15 -5.18 -4.31 -5.40
C LEU A 15 -6.30 -5.33 -5.50
N GLN A 16 -6.02 -6.47 -6.14
CA GLN A 16 -7.08 -7.46 -6.33
C GLN A 16 -7.54 -8.01 -4.99
N ALA A 17 -6.61 -8.24 -4.05
CA ALA A 17 -7.01 -8.71 -2.73
C ALA A 17 -7.87 -7.66 -2.03
N LEU A 18 -7.54 -6.38 -2.18
CA LEU A 18 -8.32 -5.31 -1.58
C LEU A 18 -9.70 -5.23 -2.21
N ILE A 19 -9.77 -5.34 -3.54
CA ILE A 19 -11.07 -5.35 -4.22
C ILE A 19 -11.96 -6.46 -3.66
N ASP A 20 -11.45 -7.70 -3.68
CA ASP A 20 -12.19 -8.84 -3.13
C ASP A 20 -12.74 -8.57 -1.74
N SER A 21 -11.94 -7.95 -0.86
CA SER A 21 -12.40 -7.82 0.52
C SER A 21 -13.40 -6.69 0.67
N THR A 22 -13.24 -5.61 -0.08
CA THR A 22 -14.18 -4.50 0.04
C THR A 22 -15.52 -4.79 -0.60
N ARG A 23 -15.62 -5.83 -1.42
CA ARG A 23 -16.93 -6.26 -1.90
C ARG A 23 -17.69 -7.09 -0.87
N GLU A 24 -17.03 -7.45 0.24
CA GLU A 24 -17.70 -8.18 1.31
C GLU A 24 -18.80 -7.31 1.93
N PRO A 25 -19.95 -7.88 2.27
CA PRO A 25 -21.03 -7.07 2.87
C PRO A 25 -20.57 -6.20 4.04
N ASN A 26 -19.81 -6.76 4.98
CA ASN A 26 -19.37 -6.07 6.19
C ASN A 26 -18.19 -5.13 5.98
N SER A 27 -17.70 -5.00 4.74
CA SER A 27 -16.56 -4.12 4.49
C SER A 27 -16.90 -2.66 4.82
N SER A 28 -16.02 -2.01 5.57
CA SER A 28 -16.17 -0.60 5.89
C SER A 28 -15.47 0.29 4.88
N ALA A 29 -14.96 -0.29 3.80
CA ALA A 29 -14.22 0.47 2.79
C ALA A 29 -14.85 0.21 1.43
N GLN A 30 -14.82 1.23 0.58
CA GLN A 30 -15.18 1.09 -0.83
C GLN A 30 -14.05 1.68 -1.67
N ILE A 31 -13.64 0.98 -2.72
CA ILE A 31 -12.56 1.46 -3.57
C ILE A 31 -13.18 2.26 -4.71
N ASP A 32 -12.90 3.56 -4.75
CA ASP A 32 -13.59 4.43 -5.69
C ASP A 32 -12.73 4.88 -6.85
N ILE A 33 -11.42 4.68 -6.77
CA ILE A 33 -10.52 5.12 -7.83
C ILE A 33 -9.23 4.32 -7.70
N VAL A 34 -8.67 3.96 -8.85
CA VAL A 34 -7.39 3.30 -8.92
C VAL A 34 -6.45 4.17 -9.75
N ILE A 35 -5.31 4.54 -9.18
CA ILE A 35 -4.34 5.43 -9.80
C ILE A 35 -3.03 4.66 -9.99
N SER A 36 -2.48 4.72 -11.21
CA SER A 36 -1.20 4.08 -11.52
C SER A 36 -0.28 5.09 -12.18
N ASN A 37 0.99 5.10 -11.76
CA ASN A 37 1.97 5.97 -12.37
C ASN A 37 2.58 5.37 -13.62
N LYS A 38 2.18 4.16 -14.00
CA LYS A 38 2.70 3.47 -15.17
C LYS A 38 1.53 2.93 -15.98
N ALA A 39 1.58 3.13 -17.29
CA ALA A 39 0.53 2.68 -18.20
C ALA A 39 0.72 1.20 -18.54
N ALA A 40 -0.32 0.61 -19.13
CA ALA A 40 -0.29 -0.78 -19.58
C ALA A 40 0.22 -1.73 -18.50
N VAL A 41 0.05 -1.37 -17.21
CA VAL A 41 0.34 -2.29 -16.12
C VAL A 41 -0.95 -3.04 -15.78
N ALA A 42 -0.78 -4.27 -15.30
CA ALA A 42 -1.91 -5.20 -15.18
C ALA A 42 -2.89 -4.83 -14.06
N GLY A 43 -2.45 -4.06 -13.06
CA GLY A 43 -3.41 -3.57 -12.08
C GLY A 43 -4.50 -2.74 -12.71
N LEU A 44 -4.16 -1.97 -13.75
CA LEU A 44 -5.18 -1.17 -14.42
C LEU A 44 -6.29 -2.05 -14.97
N ASP A 45 -5.97 -3.27 -15.41
CA ASP A 45 -6.97 -4.16 -15.99
C ASP A 45 -7.78 -4.85 -14.91
N LYS A 46 -7.12 -5.29 -13.85
CA LYS A 46 -7.83 -5.82 -12.69
C LYS A 46 -8.88 -4.82 -12.20
N ALA A 47 -8.53 -3.53 -12.21
CA ALA A 47 -9.46 -2.51 -11.73
C ALA A 47 -10.55 -2.25 -12.75
N GLU A 48 -10.19 -2.16 -14.03
CA GLU A 48 -11.20 -2.02 -15.08
C GLU A 48 -12.17 -3.20 -15.06
N ARG A 49 -11.65 -4.44 -14.98
CA ARG A 49 -12.54 -5.59 -14.83
C ARG A 49 -13.44 -5.45 -13.61
N ALA A 50 -12.97 -4.76 -12.57
CA ALA A 50 -13.77 -4.62 -11.35
C ALA A 50 -14.84 -3.55 -11.50
N GLY A 51 -14.79 -2.76 -12.56
CA GLY A 51 -15.69 -1.63 -12.68
C GLY A 51 -15.20 -0.40 -11.97
N ILE A 52 -13.98 -0.41 -11.46
CA ILE A 52 -13.43 0.73 -10.73
C ILE A 52 -12.77 1.69 -11.71
N PRO A 53 -13.08 2.99 -11.64
CA PRO A 53 -12.38 3.98 -12.46
C PRO A 53 -10.88 3.89 -12.28
N THR A 54 -10.15 4.23 -13.33
CA THR A 54 -8.70 4.26 -13.32
C THR A 54 -8.22 5.61 -13.85
N ARG A 55 -7.09 6.05 -13.32
CA ARG A 55 -6.36 7.20 -13.83
C ARG A 55 -4.88 6.88 -13.82
N VAL A 56 -4.18 7.29 -14.88
CA VAL A 56 -2.72 7.17 -14.95
C VAL A 56 -2.14 8.56 -14.79
N ILE A 57 -1.25 8.73 -13.83
CA ILE A 57 -0.50 9.95 -13.64
C ILE A 57 0.96 9.60 -13.85
N ASN A 58 1.51 9.94 -15.01
CA ASN A 58 2.89 9.62 -15.36
C ASN A 58 3.83 10.61 -14.68
N HIS A 59 4.63 10.11 -13.72
CA HIS A 59 5.54 11.03 -13.01
C HIS A 59 6.61 11.61 -13.92
N LYS A 60 6.55 11.37 -15.22
CA LYS A 60 7.54 11.94 -16.14
C LYS A 60 7.09 13.28 -16.69
N LEU A 61 5.82 13.44 -17.03
CA LEU A 61 5.37 14.74 -17.52
C LEU A 61 5.57 15.87 -16.50
N TYR A 62 5.93 15.54 -15.26
CA TYR A 62 5.96 16.52 -14.17
C TYR A 62 7.39 16.87 -13.80
N LYS A 63 7.69 18.17 -13.75
CA LYS A 63 9.07 18.60 -13.54
C LYS A 63 9.61 18.10 -12.21
N ASN A 64 8.86 18.31 -11.13
CA ASN A 64 9.30 17.94 -9.80
C ASN A 64 8.30 16.95 -9.19
N ARG A 65 8.62 16.49 -7.97
CA ARG A 65 7.75 15.51 -7.31
C ARG A 65 6.46 16.15 -6.83
N VAL A 66 6.55 17.34 -6.22
CA VAL A 66 5.37 17.95 -5.62
C VAL A 66 4.34 18.29 -6.67
N GLU A 67 4.80 18.73 -7.85
CA GLU A 67 3.89 18.93 -8.97
C GLU A 67 3.25 17.62 -9.39
N PHE A 68 3.99 16.51 -9.26
CA PHE A 68 3.43 15.20 -9.58
C PHE A 68 2.43 14.75 -8.52
N ASP A 69 2.81 14.80 -7.24
CA ASP A 69 1.87 14.44 -6.19
C ASP A 69 0.63 15.34 -6.23
N SER A 70 0.85 16.65 -6.31
CA SER A 70 -0.23 17.62 -6.51
C SER A 70 -1.21 17.12 -7.57
N ALA A 71 -0.69 16.51 -8.63
CA ALA A 71 -1.57 15.94 -9.65
C ALA A 71 -2.44 14.83 -9.07
N ILE A 72 -1.84 13.99 -8.24
CA ILE A 72 -2.56 12.87 -7.61
C ILE A 72 -3.60 13.39 -6.63
N ASP A 73 -3.15 14.20 -5.66
CA ASP A 73 -4.04 14.88 -4.73
C ASP A 73 -5.31 15.37 -5.42
N LEU A 74 -5.14 16.11 -6.52
CA LEU A 74 -6.28 16.61 -7.28
C LEU A 74 -7.29 15.52 -7.56
N VAL A 75 -6.82 14.35 -8.02
CA VAL A 75 -7.75 13.25 -8.29
C VAL A 75 -8.36 12.73 -6.99
N LEU A 76 -7.55 12.60 -5.93
CA LEU A 76 -8.10 12.19 -4.65
C LEU A 76 -9.25 13.11 -4.24
N GLU A 77 -9.04 14.42 -4.31
CA GLU A 77 -10.11 15.35 -4.01
C GLU A 77 -11.32 15.09 -4.89
N GLU A 78 -11.10 15.04 -6.21
CA GLU A 78 -12.20 14.82 -7.14
C GLU A 78 -13.08 13.65 -6.74
N PHE A 79 -12.48 12.55 -6.26
CA PHE A 79 -13.23 11.36 -5.87
C PHE A 79 -13.57 11.35 -4.39
N SER A 80 -13.43 12.48 -3.69
CA SER A 80 -13.78 12.60 -2.28
C SER A 80 -13.18 11.45 -1.46
N ILE A 81 -11.91 11.12 -1.74
CA ILE A 81 -11.26 9.98 -1.11
C ILE A 81 -10.97 10.26 0.36
N ASP A 82 -11.08 9.23 1.18
CA ASP A 82 -10.78 9.31 2.60
C ASP A 82 -9.49 8.63 3.00
N ILE A 83 -9.21 7.48 2.38
CA ILE A 83 -8.06 6.63 2.70
C ILE A 83 -7.32 6.35 1.40
N VAL A 84 -6.00 6.48 1.44
CA VAL A 84 -5.13 6.15 0.30
C VAL A 84 -4.36 4.88 0.63
N CYS A 85 -4.45 3.90 -0.27
CA CYS A 85 -3.72 2.63 -0.14
C CYS A 85 -2.64 2.56 -1.21
N LEU A 86 -1.38 2.55 -0.78
CA LEU A 86 -0.24 2.30 -1.65
C LEU A 86 -0.06 0.80 -1.79
N ALA A 87 -0.40 0.26 -2.96
CA ALA A 87 -0.36 -1.19 -3.20
C ALA A 87 0.60 -1.46 -4.37
N GLY A 88 1.89 -1.52 -4.07
CA GLY A 88 2.88 -1.69 -5.12
C GLY A 88 3.23 -0.42 -5.83
N PHE A 89 2.89 0.71 -5.22
CA PHE A 89 3.22 2.02 -5.77
C PHE A 89 4.68 2.32 -5.44
N MET A 90 5.48 2.58 -6.46
CA MET A 90 6.92 2.59 -6.30
C MET A 90 7.52 3.98 -6.42
N ARG A 91 6.72 5.01 -6.12
CA ARG A 91 7.19 6.38 -6.05
C ARG A 91 7.27 6.82 -4.59
N ILE A 92 8.21 7.67 -4.29
CA ILE A 92 8.25 8.27 -2.96
C ILE A 92 7.45 9.55 -2.98
N LEU A 93 6.63 9.74 -1.95
CA LEU A 93 5.72 10.86 -1.93
C LEU A 93 6.37 12.04 -1.23
N SER A 94 6.01 13.24 -1.70
CA SER A 94 6.57 14.47 -1.17
C SER A 94 6.05 14.72 0.24
N GLY A 95 6.81 15.52 0.99
CA GLY A 95 6.50 15.81 2.37
C GLY A 95 5.11 16.38 2.58
N PRO A 96 4.74 17.42 1.82
CA PRO A 96 3.40 18.00 2.04
C PRO A 96 2.29 17.01 1.70
N PHE A 97 2.49 16.20 0.66
CA PHE A 97 1.50 15.18 0.35
C PHE A 97 1.35 14.19 1.50
N VAL A 98 2.48 13.72 2.05
CA VAL A 98 2.42 12.79 3.17
C VAL A 98 1.83 13.47 4.39
N GLN A 99 2.20 14.73 4.64
CA GLN A 99 1.68 15.43 5.81
C GLN A 99 0.18 15.64 5.68
N LYS A 100 -0.29 16.03 4.49
CA LYS A 100 -1.71 16.23 4.28
C LYS A 100 -2.49 14.95 4.55
N TRP A 101 -2.01 13.82 4.05
CA TRP A 101 -2.67 12.55 4.23
C TRP A 101 -2.14 11.79 5.44
N ASN A 102 -1.46 12.47 6.35
CA ASN A 102 -1.01 11.84 7.59
C ASN A 102 -2.19 11.16 8.27
N GLY A 103 -1.98 9.93 8.69
CA GLY A 103 -3.03 9.19 9.35
C GLY A 103 -4.08 8.63 8.43
N LYS A 104 -4.00 8.88 7.12
CA LYS A 104 -5.00 8.40 6.18
C LYS A 104 -4.42 7.60 5.01
N MET A 105 -3.11 7.29 5.04
CA MET A 105 -2.44 6.65 3.91
C MET A 105 -1.72 5.40 4.41
N LEU A 106 -2.09 4.24 3.87
CA LEU A 106 -1.50 2.96 4.21
C LEU A 106 -0.53 2.49 3.12
N ASN A 107 0.52 1.79 3.53
CA ASN A 107 1.46 1.20 2.61
C ASN A 107 1.75 -0.24 3.03
N ILE A 108 1.88 -1.12 2.03
CA ILE A 108 2.27 -2.52 2.24
C ILE A 108 3.72 -2.66 1.80
N HIS A 109 4.55 -3.21 2.69
CA HIS A 109 5.98 -3.40 2.47
C HIS A 109 6.30 -4.86 2.78
N PRO A 110 7.09 -5.55 1.91
CA PRO A 110 7.34 -6.99 2.04
C PRO A 110 8.54 -7.30 2.92
N SER A 111 8.58 -6.70 4.11
CA SER A 111 9.44 -7.21 5.17
C SER A 111 8.75 -7.00 6.49
N LEU A 112 9.35 -7.55 7.53
CA LEU A 112 9.01 -7.23 8.90
C LEU A 112 9.79 -5.98 9.30
N LEU A 113 9.22 -4.82 8.97
CA LEU A 113 9.87 -3.59 9.36
C LEU A 113 10.07 -3.64 10.87
N PRO A 114 11.13 -3.03 11.40
CA PRO A 114 12.04 -2.14 10.66
C PRO A 114 13.15 -2.83 9.84
N SER A 115 13.13 -4.14 9.71
CA SER A 115 14.12 -4.80 8.86
C SER A 115 13.87 -4.49 7.39
N PHE A 116 14.96 -4.36 6.63
CA PHE A 116 14.91 -4.42 5.16
C PHE A 116 13.95 -3.36 4.60
N LYS A 117 14.25 -2.11 4.92
CA LYS A 117 13.55 -0.99 4.30
C LYS A 117 13.96 -0.89 2.84
N GLY A 118 13.23 -0.09 2.08
CA GLY A 118 13.60 0.16 0.71
C GLY A 118 13.00 -0.85 -0.26
N SER A 119 13.50 -0.76 -1.48
CA SER A 119 12.79 -1.30 -2.64
C SER A 119 13.09 -2.77 -2.93
N ASN A 120 14.08 -3.37 -2.27
CA ASN A 120 14.50 -4.73 -2.57
C ASN A 120 14.51 -5.59 -1.32
N ALA A 121 13.42 -5.54 -0.55
CA ALA A 121 13.42 -6.16 0.78
C ALA A 121 13.78 -7.64 0.70
N HIS A 122 13.22 -8.34 -0.28
CA HIS A 122 13.52 -9.76 -0.47
C HIS A 122 15.00 -10.02 -0.75
N GLU A 123 15.60 -9.23 -1.63
CA GLU A 123 17.02 -9.41 -1.87
C GLU A 123 17.79 -9.23 -0.58
N GLN A 124 17.40 -8.22 0.21
CA GLN A 124 18.07 -7.96 1.47
C GLN A 124 17.88 -9.12 2.43
N ALA A 125 16.64 -9.60 2.54
CA ALA A 125 16.38 -10.72 3.44
C ALA A 125 17.19 -11.95 3.05
N LEU A 126 17.26 -12.25 1.75
CA LEU A 126 18.05 -13.40 1.30
C LEU A 126 19.54 -13.16 1.53
N GLU A 127 20.04 -11.97 1.17
CA GLU A 127 21.45 -11.67 1.38
C GLU A 127 21.83 -11.81 2.84
N THR A 128 20.91 -11.42 3.74
CA THR A 128 21.19 -11.41 5.17
C THR A 128 21.08 -12.79 5.80
N GLY A 129 20.22 -13.65 5.25
CA GLY A 129 20.12 -15.00 5.74
C GLY A 129 19.08 -15.25 6.80
N VAL A 130 18.06 -14.41 6.90
CA VAL A 130 17.02 -14.69 7.90
C VAL A 130 16.28 -15.97 7.49
N THR A 131 15.77 -16.70 8.49
CA THR A 131 14.84 -17.79 8.24
C THR A 131 13.38 -17.39 8.44
N VAL A 132 13.12 -16.17 8.92
CA VAL A 132 11.77 -15.65 9.03
C VAL A 132 11.76 -14.25 8.42
N THR A 133 10.90 -14.03 7.44
CA THR A 133 10.64 -12.66 7.00
C THR A 133 9.14 -12.40 7.15
N GLY A 134 8.57 -11.50 6.35
CA GLY A 134 7.14 -11.26 6.42
C GLY A 134 6.79 -9.99 5.69
N CYS A 135 5.61 -9.46 6.01
CA CYS A 135 5.18 -8.20 5.41
C CYS A 135 4.58 -7.30 6.49
N THR A 136 4.49 -6.01 6.16
CA THR A 136 4.06 -4.96 7.09
C THR A 136 3.12 -3.99 6.40
N VAL A 137 1.95 -3.76 7.00
CA VAL A 137 1.08 -2.64 6.62
C VAL A 137 1.26 -1.55 7.68
N HIS A 138 1.61 -0.34 7.25
CA HIS A 138 1.88 0.76 8.15
C HIS A 138 1.31 2.05 7.57
N PHE A 139 1.08 3.03 8.46
CA PHE A 139 0.78 4.38 8.03
C PHE A 139 1.99 5.02 7.37
N VAL A 140 1.77 5.70 6.25
CA VAL A 140 2.90 6.36 5.59
C VAL A 140 3.26 7.61 6.39
N ALA A 141 4.49 7.64 6.88
CA ALA A 141 5.04 8.83 7.51
C ALA A 141 6.07 9.44 6.55
N GLU A 142 6.68 10.55 6.96
CA GLU A 142 7.59 11.24 6.06
C GLU A 142 8.84 10.41 5.80
N ASP A 143 9.44 9.84 6.84
CA ASP A 143 10.57 8.94 6.62
C ASP A 143 10.08 7.56 6.21
N VAL A 144 10.64 7.03 5.12
CA VAL A 144 10.05 5.89 4.42
C VAL A 144 10.08 4.65 5.29
N ASP A 145 9.00 3.86 5.22
CA ASP A 145 8.88 2.59 5.94
C ASP A 145 9.24 2.75 7.42
N ALA A 146 8.82 3.89 7.99
CA ALA A 146 8.97 4.13 9.41
C ALA A 146 7.76 4.88 9.98
N GLY A 147 6.62 4.82 9.31
CA GLY A 147 5.38 5.24 9.91
C GLY A 147 4.86 4.18 10.87
N GLN A 148 3.72 4.48 11.48
CA GLN A 148 3.18 3.60 12.51
C GLN A 148 2.64 2.31 11.90
N ILE A 149 3.03 1.20 12.51
CA ILE A 149 2.74 -0.13 12.02
C ILE A 149 1.33 -0.53 12.44
N ILE A 150 0.56 -1.07 11.51
CA ILE A 150 -0.82 -1.46 11.75
C ILE A 150 -0.91 -2.98 11.89
N LEU A 151 -0.45 -3.73 10.88
CA LEU A 151 -0.38 -5.19 10.97
C LEU A 151 0.91 -5.73 10.36
N GLN A 152 1.33 -6.87 10.88
CA GLN A 152 2.44 -7.63 10.31
C GLN A 152 2.08 -9.11 10.29
N GLU A 153 2.61 -9.84 9.30
CA GLU A 153 2.55 -11.30 9.34
C GLU A 153 3.92 -11.88 8.99
N ALA A 154 4.32 -12.89 9.76
CA ALA A 154 5.58 -13.59 9.52
C ALA A 154 5.43 -14.62 8.41
N VAL A 155 6.49 -14.77 7.62
CA VAL A 155 6.56 -15.77 6.55
C VAL A 155 7.91 -16.50 6.62
N PRO A 156 7.92 -17.83 6.66
CA PRO A 156 9.20 -18.56 6.71
C PRO A 156 9.99 -18.36 5.42
N VAL A 157 11.30 -18.23 5.56
CA VAL A 157 12.19 -18.37 4.41
C VAL A 157 12.67 -19.82 4.33
N LYS A 158 12.41 -20.46 3.20
CA LYS A 158 12.81 -21.84 2.98
C LYS A 158 14.16 -21.94 2.29
N ARG A 159 14.92 -22.98 2.65
CA ARG A 159 16.21 -23.24 2.03
C ARG A 159 16.09 -23.29 0.51
N GLY A 160 17.01 -22.61 -0.17
CA GLY A 160 16.93 -22.47 -1.61
C GLY A 160 15.96 -21.43 -2.13
N ASP A 161 15.34 -20.62 -1.26
CA ASP A 161 14.43 -19.59 -1.71
C ASP A 161 15.14 -18.61 -2.64
N THR A 162 14.40 -18.06 -3.58
CA THR A 162 14.84 -16.92 -4.36
C THR A 162 13.81 -15.82 -4.23
N VAL A 163 14.11 -14.67 -4.83
CA VAL A 163 13.13 -13.59 -4.84
C VAL A 163 11.80 -14.08 -5.40
N ALA A 164 11.85 -14.89 -6.46
CA ALA A 164 10.63 -15.39 -7.08
C ALA A 164 9.77 -16.19 -6.08
N THR A 165 10.40 -17.11 -5.34
CA THR A 165 9.64 -18.01 -4.48
C THR A 165 9.32 -17.40 -3.10
N LEU A 166 10.27 -16.66 -2.52
CA LEU A 166 10.01 -15.92 -1.29
C LEU A 166 8.90 -14.90 -1.50
N SER A 167 9.01 -14.08 -2.55
CA SER A 167 7.98 -13.06 -2.78
C SER A 167 6.63 -13.69 -3.08
N GLU A 168 6.60 -14.87 -3.72
CA GLU A 168 5.33 -15.56 -3.92
C GLU A 168 4.68 -15.92 -2.58
N ARG A 169 5.49 -16.43 -1.64
CA ARG A 169 4.98 -16.84 -0.35
C ARG A 169 4.58 -15.64 0.49
N VAL A 170 5.36 -14.55 0.43
CA VAL A 170 5.06 -13.35 1.19
C VAL A 170 3.76 -12.71 0.70
N LYS A 171 3.57 -12.65 -0.62
CA LYS A 171 2.36 -12.02 -1.15
C LYS A 171 1.10 -12.69 -0.64
N LEU A 172 1.16 -13.96 -0.26
CA LEU A 172 -0.02 -14.60 0.30
C LEU A 172 -0.35 -14.02 1.66
N ALA A 173 0.69 -13.60 2.40
CA ALA A 173 0.44 -12.91 3.65
C ALA A 173 -0.04 -11.48 3.39
N GLU A 174 0.61 -10.78 2.46
CA GLU A 174 0.20 -9.43 2.08
C GLU A 174 -1.30 -9.36 1.79
N HIS A 175 -1.80 -10.28 0.98
CA HIS A 175 -3.20 -10.32 0.60
C HIS A 175 -4.14 -10.60 1.77
N LYS A 176 -3.61 -10.97 2.93
CA LYS A 176 -4.42 -11.14 4.15
C LYS A 176 -4.40 -9.88 5.01
N ILE A 177 -3.19 -9.44 5.41
CA ILE A 177 -3.11 -8.33 6.35
C ILE A 177 -3.40 -6.99 5.70
N PHE A 178 -3.28 -6.85 4.39
CA PHE A 178 -3.63 -5.57 3.79
C PHE A 178 -5.13 -5.34 3.81
N PRO A 179 -5.97 -6.28 3.37
CA PRO A 179 -7.41 -6.07 3.55
C PRO A 179 -7.79 -5.90 5.01
N ALA A 180 -7.17 -6.64 5.92
CA ALA A 180 -7.50 -6.49 7.33
C ALA A 180 -7.14 -5.11 7.84
N ALA A 181 -5.94 -4.62 7.49
CA ALA A 181 -5.48 -3.31 7.92
C ALA A 181 -6.39 -2.21 7.41
N LEU A 182 -6.80 -2.32 6.14
CA LEU A 182 -7.72 -1.34 5.59
C LEU A 182 -9.02 -1.34 6.36
N GLN A 183 -9.52 -2.54 6.69
CA GLN A 183 -10.78 -2.63 7.40
C GLN A 183 -10.65 -2.05 8.80
N LEU A 184 -9.53 -2.30 9.49
CA LEU A 184 -9.29 -1.66 10.78
C LEU A 184 -9.34 -0.14 10.69
N VAL A 185 -8.71 0.44 9.66
CA VAL A 185 -8.63 1.88 9.55
C VAL A 185 -9.96 2.46 9.07
N ALA A 186 -10.63 1.76 8.16
CA ALA A 186 -11.90 2.28 7.64
C ALA A 186 -13.00 2.25 8.69
N SER A 187 -12.97 1.26 9.57
CA SER A 187 -14.00 1.14 10.60
C SER A 187 -13.75 2.06 11.78
N GLY A 188 -12.67 2.84 11.76
CA GLY A 188 -12.30 3.61 12.92
C GLY A 188 -11.76 2.81 14.08
N THR A 189 -11.52 1.52 13.90
CA THR A 189 -11.00 0.72 15.00
C THR A 189 -9.55 1.06 15.29
N VAL A 190 -8.81 1.52 14.28
CA VAL A 190 -7.41 1.88 14.40
C VAL A 190 -7.23 3.26 13.81
N GLN A 191 -6.41 4.09 14.45
CA GLN A 191 -6.08 5.40 13.91
C GLN A 191 -4.74 5.83 14.47
N LEU A 192 -4.12 6.77 13.79
CA LEU A 192 -2.99 7.47 14.36
C LEU A 192 -3.48 8.27 15.56
N GLY A 193 -2.89 8.03 16.72
CA GLY A 193 -3.29 8.79 17.90
C GLY A 193 -2.74 10.20 17.84
N GLU A 194 -3.26 11.04 18.74
CA GLU A 194 -2.71 12.39 18.88
C GLU A 194 -1.22 12.34 19.21
N ASN A 195 -0.82 11.38 20.04
CA ASN A 195 0.56 11.11 20.43
C ASN A 195 1.39 10.50 19.30
N GLY A 196 0.85 10.39 18.09
CA GLY A 196 1.60 9.91 16.95
C GLY A 196 1.73 8.41 16.85
N LYS A 197 1.60 7.68 17.94
CA LYS A 197 1.58 6.23 17.83
C LYS A 197 0.18 5.78 17.43
N ILE A 198 0.01 4.46 17.32
CA ILE A 198 -1.18 3.90 16.71
C ILE A 198 -2.22 3.65 17.78
N CYS A 199 -3.46 4.03 17.50
CA CYS A 199 -4.51 4.10 18.51
C CYS A 199 -5.56 3.03 18.21
N TRP A 200 -5.84 2.16 19.19
CA TRP A 200 -6.88 1.16 19.06
C TRP A 200 -8.17 1.61 19.75
N VAL A 201 -9.30 1.17 19.20
CA VAL A 201 -10.60 1.60 19.71
C VAL A 201 -11.65 0.50 19.50
#